data_6KFI
#
_entry.id   6KFI
#
loop_
_entity.id
_entity.type
_entity.pdbx_description
1 polymer 'G-quadruplex DNA (26-MER)'
2 non-polymer "4,4',4''-(nitrilotris(benzene-4,1-diyl))tris(1-ethylpyridin-1-ium) iodide"
#
_entity_poly.entity_id   1
_entity_poly.type   'polydeoxyribonucleotide'
_entity_poly.pdbx_seq_one_letter_code
;(DA)(DA)(DA)(DG)(DG)(DG)(DT)(DT)(DA)(DG)(DG)(DG)(DT)(DT)(DA)(DG)(DG)(DG)(DT)(DT)
(DA)(DG)(DG)(DG)(DA)(DA)
;
_entity_poly.pdbx_strand_id   A
#